data_6K7E
#
_entry.id   6K7E
#
_cell.length_a   156.807
_cell.length_b   156.807
_cell.length_c   67.386
_cell.angle_alpha   90.00
_cell.angle_beta   90.00
_cell.angle_gamma   120.00
#
_symmetry.space_group_name_H-M   'H 3'
#
loop_
_entity.id
_entity.type
_entity.pdbx_description
1 polymer 'Maltose/maltodextrin-binding periplasmic protein,Mitochondrial import inner membrane translocase subunit TIM21'
2 water water
#
_entity_poly.entity_id   1
_entity_poly.type   'polypeptide(L)'
_entity_poly.pdbx_seq_one_letter_code
;MKIEEGKLVIWINGDKGYNGLAEVGKKFEKDTGIKVTVEHPDKLEEKFPQVAATGDGPDIIFWAHDRFGGYAQSGLLAEI
TPDKAFQDKLYPFTWDAVRYNGKLIAYPIAVEALSLIYNKDLLPNPPKTWEEIPALDKELKAKGKSALMFNLQEPYFTWP
LIAADGGYAFKYENGKYDIKDVGVDNAGAKAGLTFLVDLIKNKHMNADTDYSIAEAAFNKGETAMTINGPWAWSNIDTSK
VNYGVTVLPTFKGQPSKPFVGVLSAGINAASPNKELAKEFLENYLLTDEGLEAVNKDKPLGAVALKSYEEELVKDPRIAA
TMENAQKGEIMPNIPQMSAFWYAVRTAVINAASGRQTVDEALKDAQTRIEAAAKEAAAKEAAAKAADTQLFNRAVSMVEK
NKDIRSLLQCDDGITGKERLKAYGELITNDKWTRNRPIVSTKKLDKEGRTHHYMRFHVESKKKIALVHLEAKESKQNYQP
DFINMYVDVPGEKRYYLIKLEHHHHHH
;
_entity_poly.pdbx_strand_id   A
#
# COMPACT_ATOMS: atom_id res chain seq x y z
N ILE A 3 11.30 -18.51 -12.80
CA ILE A 3 12.22 -17.38 -12.65
C ILE A 3 13.65 -17.88 -12.61
N GLU A 4 14.48 -17.30 -13.48
CA GLU A 4 15.86 -17.74 -13.62
C GLU A 4 16.79 -17.15 -12.55
N GLU A 5 17.52 -18.03 -11.87
CA GLU A 5 18.46 -17.62 -10.84
C GLU A 5 19.70 -17.00 -11.46
N GLY A 6 20.19 -15.93 -10.84
CA GLY A 6 21.37 -15.24 -11.31
C GLY A 6 21.17 -14.17 -12.36
N LYS A 7 19.91 -13.76 -12.54
CA LYS A 7 19.61 -12.60 -13.35
C LYS A 7 18.39 -11.92 -12.74
N LEU A 8 18.06 -10.69 -13.17
CA LEU A 8 16.86 -10.01 -12.69
C LEU A 8 15.93 -9.69 -13.83
N VAL A 9 14.65 -9.93 -13.62
CA VAL A 9 13.64 -9.47 -14.60
C VAL A 9 12.77 -8.48 -13.84
N ILE A 10 12.51 -7.33 -14.47
CA ILE A 10 11.78 -6.24 -13.81
C ILE A 10 10.61 -5.86 -14.67
N TRP A 11 9.41 -5.66 -14.06
CA TRP A 11 8.24 -5.19 -14.81
C TRP A 11 7.89 -3.77 -14.33
N ILE A 12 7.61 -2.86 -15.28
CA ILE A 12 7.17 -1.51 -14.94
C ILE A 12 6.23 -1.07 -16.06
N ASN A 13 5.34 -0.12 -15.77
CA ASN A 13 4.30 0.22 -16.75
C ASN A 13 4.88 0.99 -17.92
N GLY A 14 4.21 0.88 -19.06
CA GLY A 14 4.67 1.52 -20.27
C GLY A 14 4.57 3.03 -20.42
N ASP A 15 4.05 3.71 -19.40
CA ASP A 15 4.12 5.16 -19.33
C ASP A 15 5.23 5.65 -18.40
N LYS A 16 6.12 4.76 -17.97
CA LYS A 16 7.21 5.16 -17.06
C LYS A 16 8.51 5.21 -17.84
N GLY A 17 9.57 5.67 -17.18
CA GLY A 17 10.89 5.78 -17.78
C GLY A 17 11.61 4.46 -17.88
N TYR A 18 11.05 3.47 -18.58
CA TYR A 18 11.65 2.13 -18.58
C TYR A 18 12.98 2.06 -19.34
N ASN A 19 13.20 2.94 -20.34
CA ASN A 19 14.54 2.96 -21.01
C ASN A 19 15.57 3.45 -20.04
N GLY A 20 15.19 4.45 -19.23
CA GLY A 20 16.12 4.89 -18.17
C GLY A 20 16.42 3.82 -17.15
N LEU A 21 15.41 3.07 -16.74
CA LEU A 21 15.61 1.96 -15.78
C LEU A 21 16.51 0.91 -16.38
N ALA A 22 16.33 0.67 -17.68
CA ALA A 22 17.15 -0.30 -18.40
C ALA A 22 18.60 0.16 -18.39
N GLU A 23 18.84 1.48 -18.49
CA GLU A 23 20.25 1.95 -18.36
C GLU A 23 20.85 1.68 -16.98
N VAL A 24 20.03 1.83 -15.92
CA VAL A 24 20.53 1.46 -14.57
C VAL A 24 20.84 -0.04 -14.52
N GLY A 25 19.98 -0.85 -15.15
CA GLY A 25 20.20 -2.30 -15.26
C GLY A 25 21.52 -2.61 -15.98
N LYS A 26 21.83 -1.87 -17.05
CA LYS A 26 23.04 -2.19 -17.80
C LYS A 26 24.23 -1.82 -16.95
N LYS A 27 24.12 -0.76 -16.16
CA LYS A 27 25.21 -0.42 -15.23
C LYS A 27 25.43 -1.47 -14.13
N PHE A 28 24.33 -1.99 -13.59
CA PHE A 28 24.40 -3.11 -12.64
C PHE A 28 25.13 -4.30 -13.26
N GLU A 29 24.78 -4.61 -14.50
CA GLU A 29 25.39 -5.75 -15.16
C GLU A 29 26.88 -5.50 -15.42
N LYS A 30 27.21 -4.28 -15.83
CA LYS A 30 28.62 -3.93 -16.08
C LYS A 30 29.43 -4.17 -14.82
N ASP A 31 28.91 -3.74 -13.69
CA ASP A 31 29.62 -3.85 -12.41
C ASP A 31 29.61 -5.24 -11.76
N THR A 32 28.54 -6.00 -11.96
CA THR A 32 28.38 -7.23 -11.20
C THR A 32 28.36 -8.50 -12.01
N GLY A 33 28.20 -8.37 -13.33
CA GLY A 33 27.98 -9.54 -14.16
C GLY A 33 26.55 -10.03 -14.28
N ILE A 34 25.62 -9.46 -13.49
CA ILE A 34 24.21 -9.89 -13.46
C ILE A 34 23.36 -9.15 -14.49
N LYS A 35 22.75 -9.92 -15.38
CA LYS A 35 21.91 -9.36 -16.43
C LYS A 35 20.59 -8.85 -15.86
N VAL A 36 20.20 -7.64 -16.27
CA VAL A 36 18.90 -7.08 -15.89
C VAL A 36 18.03 -6.87 -17.14
N THR A 37 16.83 -7.46 -17.15
CA THR A 37 15.89 -7.29 -18.26
C THR A 37 14.67 -6.55 -17.80
N VAL A 38 14.41 -5.39 -18.39
CA VAL A 38 13.21 -4.61 -18.05
C VAL A 38 12.15 -4.83 -19.12
N GLU A 39 10.93 -5.12 -18.65
CA GLU A 39 9.80 -5.32 -19.56
C GLU A 39 8.66 -4.46 -19.09
N HIS A 40 7.78 -4.11 -20.02
CA HIS A 40 6.59 -3.35 -19.68
C HIS A 40 5.35 -4.01 -20.32
N PRO A 41 5.03 -5.24 -19.90
CA PRO A 41 3.85 -5.92 -20.46
C PRO A 41 2.58 -5.15 -20.14
N ASP A 42 1.60 -5.17 -21.06
CA ASP A 42 0.32 -4.58 -20.77
C ASP A 42 -0.37 -5.42 -19.66
N LYS A 43 -1.14 -4.73 -18.83
CA LYS A 43 -1.86 -5.36 -17.72
C LYS A 43 -0.94 -6.09 -16.79
N LEU A 44 0.27 -5.55 -16.57
CA LEU A 44 1.23 -6.25 -15.73
C LEU A 44 0.70 -6.41 -14.30
N GLU A 45 -0.16 -5.51 -13.87
CA GLU A 45 -0.57 -5.51 -12.49
C GLU A 45 -1.61 -6.60 -12.33
N GLU A 46 -2.22 -7.06 -13.43
CA GLU A 46 -3.21 -8.14 -13.34
C GLU A 46 -2.50 -9.45 -13.56
N LYS A 47 -1.46 -9.46 -14.40
CA LYS A 47 -0.72 -10.66 -14.72
C LYS A 47 0.15 -11.08 -13.54
N PHE A 48 0.73 -10.11 -12.83
CA PHE A 48 1.68 -10.43 -11.74
C PHE A 48 1.17 -11.47 -10.75
N PRO A 49 -0.04 -11.29 -10.19
CA PRO A 49 -0.43 -12.24 -9.16
C PRO A 49 -0.68 -13.64 -9.76
N GLN A 50 -1.13 -13.67 -11.02
CA GLN A 50 -1.30 -14.94 -11.73
C GLN A 50 0.03 -15.68 -11.96
N VAL A 51 1.07 -15.02 -12.48
CA VAL A 51 2.34 -15.69 -12.72
C VAL A 51 3.15 -15.93 -11.43
N ALA A 52 3.03 -15.05 -10.43
CA ALA A 52 3.85 -15.18 -9.23
C ALA A 52 3.44 -16.44 -8.49
N ALA A 53 2.15 -16.70 -8.52
CA ALA A 53 1.55 -17.88 -7.83
C ALA A 53 1.97 -19.20 -8.46
N THR A 54 2.49 -19.15 -9.68
CA THR A 54 3.04 -20.35 -10.28
C THR A 54 4.57 -20.37 -10.24
N GLY A 55 5.16 -19.48 -9.44
CA GLY A 55 6.60 -19.40 -9.37
C GLY A 55 7.24 -18.77 -10.59
N ASP A 56 6.44 -17.98 -11.31
CA ASP A 56 6.96 -17.35 -12.47
C ASP A 56 6.86 -15.83 -12.26
N GLY A 57 7.19 -15.11 -13.30
CA GLY A 57 7.02 -13.67 -13.26
C GLY A 57 8.33 -12.94 -13.04
N PRO A 58 8.23 -11.64 -12.82
CA PRO A 58 9.46 -10.85 -12.65
C PRO A 58 9.98 -11.01 -11.24
N ASP A 59 11.28 -10.75 -11.06
CA ASP A 59 11.83 -10.63 -9.72
C ASP A 59 11.37 -9.38 -9.01
N ILE A 60 11.21 -8.29 -9.77
CA ILE A 60 10.79 -7.01 -9.22
C ILE A 60 9.64 -6.43 -10.01
N ILE A 61 8.61 -5.93 -9.32
CA ILE A 61 7.49 -5.26 -10.00
C ILE A 61 7.39 -3.83 -9.46
N PHE A 62 7.24 -2.86 -10.38
CA PHE A 62 7.01 -1.46 -10.03
C PHE A 62 5.57 -1.11 -10.27
N TRP A 63 4.88 -0.57 -9.24
CA TRP A 63 3.49 -0.11 -9.47
C TRP A 63 3.13 0.80 -8.33
N ALA A 64 1.96 1.43 -8.42
CA ALA A 64 1.48 2.20 -7.29
C ALA A 64 1.29 1.31 -6.08
N HIS A 65 1.68 1.83 -4.93
CA HIS A 65 1.76 1.02 -3.68
C HIS A 65 0.40 0.39 -3.32
N ASP A 66 -0.71 0.98 -3.72
CA ASP A 66 -1.95 0.47 -3.11
C ASP A 66 -2.34 -0.92 -3.63
N ARG A 67 -1.85 -1.30 -4.81
CA ARG A 67 -2.14 -2.61 -5.39
C ARG A 67 -1.36 -3.66 -4.66
N PHE A 68 -0.29 -3.28 -4.00
CA PHE A 68 0.55 -4.28 -3.33
C PHE A 68 -0.06 -4.87 -2.08
N GLY A 69 -1.08 -4.24 -1.49
CA GLY A 69 -1.73 -4.86 -0.33
C GLY A 69 -2.33 -6.20 -0.71
N GLY A 70 -3.07 -6.27 -1.83
CA GLY A 70 -3.65 -7.54 -2.25
C GLY A 70 -2.58 -8.58 -2.57
N TYR A 71 -1.51 -8.17 -3.25
CA TYR A 71 -0.42 -9.12 -3.49
C TYR A 71 0.12 -9.66 -2.15
N ALA A 72 0.33 -8.78 -1.18
CA ALA A 72 0.90 -9.21 0.13
C ALA A 72 -0.06 -10.11 0.86
N GLN A 73 -1.34 -9.80 0.78
CA GLN A 73 -2.34 -10.67 1.43
C GLN A 73 -2.26 -12.08 0.87
N SER A 74 -2.01 -12.18 -0.42
CA SER A 74 -1.92 -13.45 -1.10
C SER A 74 -0.58 -14.08 -0.92
N GLY A 75 0.32 -13.45 -0.18
CA GLY A 75 1.65 -13.98 0.07
C GLY A 75 2.61 -13.90 -1.11
N LEU A 76 2.38 -12.91 -2.01
CA LEU A 76 3.16 -12.90 -3.28
C LEU A 76 4.33 -11.91 -3.27
N LEU A 77 4.45 -11.14 -2.19
CA LEU A 77 5.57 -10.24 -2.04
C LEU A 77 6.46 -10.63 -0.86
N ALA A 78 7.75 -10.60 -1.11
CA ALA A 78 8.69 -10.85 -0.02
C ALA A 78 8.78 -9.67 0.96
N GLU A 79 8.99 -9.94 2.24
CA GLU A 79 9.26 -8.86 3.19
C GLU A 79 10.64 -8.33 2.82
N ILE A 80 10.76 -7.01 2.67
CA ILE A 80 12.06 -6.40 2.36
C ILE A 80 12.82 -6.11 3.64
N THR A 81 14.14 -6.01 3.54
CA THR A 81 14.98 -5.91 4.73
C THR A 81 15.95 -4.71 4.70
N PRO A 82 15.47 -3.51 4.31
CA PRO A 82 16.42 -2.39 4.41
C PRO A 82 16.78 -2.10 5.87
N ASP A 83 18.04 -1.78 6.13
CA ASP A 83 18.34 -1.43 7.50
C ASP A 83 17.91 -0.02 7.83
N LYS A 84 18.12 0.39 9.07
CA LYS A 84 17.57 1.67 9.50
C LYS A 84 18.27 2.87 8.83
N ALA A 85 19.57 2.71 8.57
CA ALA A 85 20.30 3.73 7.82
C ALA A 85 19.70 3.91 6.42
N PHE A 86 19.36 2.80 5.77
CA PHE A 86 18.74 2.95 4.45
C PHE A 86 17.37 3.60 4.59
N GLN A 87 16.60 3.16 5.57
CA GLN A 87 15.25 3.75 5.71
C GLN A 87 15.33 5.28 5.91
N ASP A 88 16.32 5.76 6.71
CA ASP A 88 16.49 7.18 6.95
C ASP A 88 16.85 7.98 5.69
N LYS A 89 17.21 7.31 4.58
CA LYS A 89 17.48 8.01 3.31
C LYS A 89 16.22 8.43 2.55
N LEU A 90 15.07 7.89 2.95
CA LEU A 90 13.79 8.20 2.29
C LEU A 90 12.88 8.96 3.27
N TYR A 91 11.96 9.76 2.77
CA TYR A 91 11.05 10.49 3.70
C TYR A 91 10.22 9.50 4.50
N PRO A 92 10.11 9.74 5.80
CA PRO A 92 9.52 8.68 6.64
C PRO A 92 8.09 8.34 6.26
N PHE A 93 7.31 9.32 5.79
CA PHE A 93 5.93 8.96 5.51
C PHE A 93 5.81 7.96 4.39
N THR A 94 6.82 7.90 3.51
CA THR A 94 6.71 6.96 2.41
C THR A 94 6.73 5.50 2.84
N TRP A 95 7.41 5.22 3.95
CA TRP A 95 7.46 3.86 4.43
C TRP A 95 6.10 3.41 4.92
N ASP A 96 5.22 4.34 5.28
CA ASP A 96 3.90 3.92 5.74
C ASP A 96 3.07 3.39 4.58
N ALA A 97 3.45 3.74 3.34
CA ALA A 97 2.68 3.36 2.18
C ALA A 97 2.99 1.91 1.74
N VAL A 98 4.07 1.35 2.28
CA VAL A 98 4.51 0.04 1.81
C VAL A 98 4.53 -0.96 2.95
N ARG A 99 3.62 -0.80 3.92
CA ARG A 99 3.50 -1.74 5.04
C ARG A 99 2.21 -2.55 4.89
N TYR A 100 2.30 -3.86 5.16
CA TYR A 100 1.12 -4.72 5.18
C TYR A 100 1.34 -5.75 6.27
N ASN A 101 0.32 -5.89 7.13
CA ASN A 101 0.42 -6.78 8.29
C ASN A 101 1.67 -6.51 9.11
N GLY A 102 2.03 -5.24 9.23
CA GLY A 102 3.18 -4.85 10.03
C GLY A 102 4.54 -5.06 9.35
N LYS A 103 4.55 -5.48 8.09
CA LYS A 103 5.80 -5.79 7.44
C LYS A 103 6.04 -4.85 6.27
N LEU A 104 7.30 -4.52 6.01
CA LEU A 104 7.61 -3.72 4.82
C LEU A 104 7.60 -4.65 3.63
N ILE A 105 6.85 -4.27 2.59
CA ILE A 105 6.68 -5.16 1.45
C ILE A 105 7.07 -4.50 0.10
N ALA A 106 7.68 -3.33 0.14
CA ALA A 106 8.19 -2.72 -1.11
C ALA A 106 9.03 -1.52 -0.78
N TYR A 107 9.85 -1.10 -1.74
CA TYR A 107 10.62 0.14 -1.60
C TYR A 107 9.90 1.30 -2.28
N PRO A 108 9.64 2.37 -1.54
CA PRO A 108 9.08 3.58 -2.20
C PRO A 108 10.04 4.19 -3.22
N ILE A 109 9.49 4.67 -4.34
CA ILE A 109 10.31 5.26 -5.41
C ILE A 109 9.89 6.73 -5.64
N ALA A 110 8.59 6.95 -5.90
CA ALA A 110 8.18 8.34 -6.21
C ALA A 110 6.85 8.58 -5.57
N VAL A 111 6.43 9.85 -5.52
CA VAL A 111 5.28 10.24 -4.73
C VAL A 111 4.43 11.15 -5.60
N GLU A 112 3.10 10.91 -5.66
CA GLU A 112 2.22 11.76 -6.48
C GLU A 112 0.98 12.14 -5.67
N ALA A 113 0.50 13.38 -5.89
CA ALA A 113 -0.72 13.89 -5.23
C ALA A 113 -1.17 15.11 -6.00
N LEU A 114 -2.47 15.42 -5.89
CA LEU A 114 -3.02 16.65 -6.45
C LEU A 114 -2.39 17.88 -5.78
N SER A 115 -2.32 18.95 -6.59
CA SER A 115 -1.95 20.29 -6.12
C SER A 115 -2.92 21.33 -6.61
N LEU A 116 -2.74 22.54 -6.09
CA LEU A 116 -3.50 23.70 -6.63
C LEU A 116 -2.70 24.30 -7.76
N ILE A 117 -3.30 24.32 -8.94
CA ILE A 117 -2.64 24.90 -10.15
C ILE A 117 -3.28 26.24 -10.40
N TYR A 118 -2.48 27.30 -10.55
CA TYR A 118 -3.09 28.63 -10.66
C TYR A 118 -2.48 29.44 -11.79
N ASN A 119 -3.28 30.40 -12.28
CA ASN A 119 -2.82 31.26 -13.38
C ASN A 119 -2.18 32.50 -12.78
N LYS A 120 -0.86 32.60 -12.92
CA LYS A 120 -0.13 33.67 -12.24
C LYS A 120 -0.50 35.08 -12.75
N ASP A 121 -0.98 35.14 -13.97
CA ASP A 121 -1.34 36.44 -14.54
C ASP A 121 -2.69 36.90 -13.92
N LEU A 122 -3.69 36.00 -13.81
CA LEU A 122 -4.94 36.40 -13.18
C LEU A 122 -4.85 36.50 -11.67
N LEU A 123 -3.92 35.71 -11.10
CA LEU A 123 -3.91 35.49 -9.65
C LEU A 123 -2.48 35.27 -9.15
N PRO A 124 -1.70 36.35 -9.01
CA PRO A 124 -0.31 36.10 -8.63
C PRO A 124 -0.13 35.65 -7.18
N ASN A 125 -1.16 35.91 -6.38
CA ASN A 125 -1.18 35.53 -4.94
C ASN A 125 -2.38 34.63 -4.71
N PRO A 126 -2.24 33.32 -5.02
CA PRO A 126 -3.42 32.45 -4.84
C PRO A 126 -3.81 32.26 -3.37
N PRO A 127 -5.08 31.94 -3.11
CA PRO A 127 -5.64 31.91 -1.74
C PRO A 127 -5.03 30.79 -0.91
N LYS A 128 -4.74 31.11 0.35
CA LYS A 128 -4.27 30.05 1.24
C LYS A 128 -5.42 29.24 1.83
N THR A 129 -6.66 29.73 1.74
CA THR A 129 -7.80 29.04 2.37
C THR A 129 -8.95 28.83 1.40
N TRP A 130 -9.71 27.77 1.63
CA TRP A 130 -10.93 27.56 0.85
C TRP A 130 -11.96 28.67 1.13
N GLU A 131 -11.96 29.14 2.37
CA GLU A 131 -13.02 30.07 2.81
C GLU A 131 -12.96 31.37 2.07
N GLU A 132 -11.79 31.69 1.54
CA GLU A 132 -11.68 32.95 0.82
C GLU A 132 -12.05 32.82 -0.67
N ILE A 133 -12.33 31.60 -1.13
CA ILE A 133 -12.64 31.43 -2.57
C ILE A 133 -13.95 32.05 -3.04
N PRO A 134 -15.02 32.05 -2.22
CA PRO A 134 -16.25 32.73 -2.70
C PRO A 134 -16.00 34.21 -3.01
N ALA A 135 -15.28 34.92 -2.15
CA ALA A 135 -15.10 36.36 -2.41
C ALA A 135 -14.20 36.58 -3.59
N LEU A 136 -13.24 35.68 -3.77
CA LEU A 136 -12.29 35.84 -4.86
C LEU A 136 -13.03 35.57 -6.17
N ASP A 137 -13.95 34.61 -6.14
CA ASP A 137 -14.74 34.37 -7.33
C ASP A 137 -15.57 35.57 -7.69
N LYS A 138 -16.21 36.21 -6.69
CA LYS A 138 -17.00 37.43 -7.02
C LYS A 138 -16.13 38.44 -7.75
N GLU A 139 -14.88 38.62 -7.29
CA GLU A 139 -13.96 39.54 -7.96
C GLU A 139 -13.62 39.14 -9.39
N LEU A 140 -13.29 37.85 -9.59
CA LEU A 140 -12.96 37.34 -10.90
C LEU A 140 -14.17 37.35 -11.84
N LYS A 141 -15.37 37.12 -11.28
CA LYS A 141 -16.57 37.15 -12.13
C LYS A 141 -16.81 38.54 -12.72
N ALA A 142 -16.42 39.57 -11.97
CA ALA A 142 -16.58 40.96 -12.46
C ALA A 142 -15.65 41.22 -13.65
N LYS A 143 -14.61 40.40 -13.80
CA LYS A 143 -13.71 40.51 -14.95
C LYS A 143 -14.05 39.53 -16.06
N GLY A 144 -15.16 38.82 -15.94
CA GLY A 144 -15.56 37.83 -16.93
C GLY A 144 -14.83 36.49 -16.78
N LYS A 145 -14.24 36.23 -15.60
CA LYS A 145 -13.48 35.01 -15.32
C LYS A 145 -14.17 34.25 -14.16
N SER A 146 -13.54 33.22 -13.63
CA SER A 146 -14.03 32.60 -12.40
C SER A 146 -12.85 32.24 -11.57
N ALA A 147 -13.06 31.90 -10.31
CA ALA A 147 -11.90 31.53 -9.45
C ALA A 147 -11.39 30.11 -9.66
N LEU A 148 -12.30 29.13 -9.70
CA LEU A 148 -11.81 27.73 -9.59
C LEU A 148 -12.70 26.78 -10.38
N MET A 149 -12.08 25.89 -11.18
CA MET A 149 -12.84 24.79 -11.78
C MET A 149 -12.00 23.53 -11.70
N PHE A 150 -12.62 22.45 -11.24
CA PHE A 150 -11.96 21.14 -11.18
C PHE A 150 -12.98 20.04 -11.29
N ASN A 151 -12.52 18.81 -11.47
CA ASN A 151 -13.43 17.69 -11.72
C ASN A 151 -14.25 17.40 -10.49
N LEU A 152 -15.56 17.60 -10.56
CA LEU A 152 -16.45 17.31 -9.44
C LEU A 152 -17.11 15.95 -9.54
N GLN A 153 -16.81 15.19 -10.57
CA GLN A 153 -17.50 13.90 -10.79
C GLN A 153 -16.87 12.76 -10.07
N GLU A 154 -15.59 12.89 -9.71
CA GLU A 154 -14.83 11.79 -9.17
C GLU A 154 -14.30 12.05 -7.78
N PRO A 155 -14.55 11.14 -6.86
CA PRO A 155 -14.10 11.39 -5.47
C PRO A 155 -12.63 11.56 -5.31
N TYR A 156 -11.80 10.96 -6.16
CA TYR A 156 -10.38 11.25 -6.04
C TYR A 156 -10.12 12.78 -6.07
N PHE A 157 -10.90 13.54 -6.84
CA PHE A 157 -10.65 15.01 -6.96
C PHE A 157 -11.34 15.86 -5.90
N THR A 158 -12.45 15.36 -5.33
CA THR A 158 -13.19 16.13 -4.32
C THR A 158 -12.79 15.76 -2.90
N TRP A 159 -12.23 14.57 -2.71
CA TRP A 159 -11.78 14.17 -1.37
C TRP A 159 -10.85 15.12 -0.63
N PRO A 160 -9.93 15.82 -1.33
CA PRO A 160 -8.99 16.64 -0.54
C PRO A 160 -9.69 17.63 0.39
N LEU A 161 -10.77 18.22 -0.08
CA LEU A 161 -11.58 19.13 0.75
C LEU A 161 -12.44 18.37 1.76
N ILE A 162 -13.01 17.25 1.32
CA ILE A 162 -13.87 16.47 2.24
C ILE A 162 -13.07 15.92 3.44
N ALA A 163 -11.81 15.60 3.22
CA ALA A 163 -10.99 15.02 4.26
C ALA A 163 -10.40 16.03 5.22
N ALA A 164 -10.28 17.28 4.77
CA ALA A 164 -9.47 18.24 5.48
C ALA A 164 -9.80 18.38 6.96
N ASP A 165 -11.08 18.50 7.29
CA ASP A 165 -11.53 18.73 8.69
C ASP A 165 -11.81 17.45 9.41
N GLY A 166 -11.50 16.29 8.80
CA GLY A 166 -11.52 15.04 9.59
C GLY A 166 -12.04 13.81 8.88
N GLY A 167 -12.50 13.91 7.62
CA GLY A 167 -12.88 12.71 6.91
C GLY A 167 -11.68 11.84 6.61
N TYR A 168 -11.90 10.53 6.47
CA TYR A 168 -10.86 9.62 6.03
C TYR A 168 -11.51 8.34 5.53
N ALA A 169 -10.80 7.58 4.69
CA ALA A 169 -11.36 6.34 4.16
C ALA A 169 -11.35 5.31 5.28
N PHE A 170 -10.17 4.89 5.73
CA PHE A 170 -10.11 3.90 6.80
C PHE A 170 -9.02 4.37 7.78
N LYS A 171 -9.23 4.16 9.07
CA LYS A 171 -8.30 4.67 10.09
C LYS A 171 -6.96 3.92 10.03
N TYR A 172 -5.85 4.66 10.02
CA TYR A 172 -4.52 4.06 10.08
C TYR A 172 -3.89 4.41 11.42
N GLU A 173 -3.54 3.40 12.21
CA GLU A 173 -3.10 3.66 13.57
C GLU A 173 -2.26 2.47 13.99
N ASN A 174 -1.15 2.70 14.71
CA ASN A 174 -0.29 1.63 15.16
C ASN A 174 0.24 0.82 13.99
N GLY A 175 0.48 1.52 12.87
CA GLY A 175 1.08 0.89 11.71
C GLY A 175 0.20 0.01 10.83
N LYS A 176 -1.13 0.11 10.95
CA LYS A 176 -2.02 -0.76 10.18
C LYS A 176 -3.40 -0.10 10.03
N TYR A 177 -4.22 -0.57 9.07
CA TYR A 177 -5.58 -0.08 8.91
C TYR A 177 -6.55 -0.85 9.79
N ASP A 178 -7.51 -0.12 10.39
CA ASP A 178 -8.66 -0.72 11.06
C ASP A 178 -9.80 -0.58 10.07
N ILE A 179 -10.06 -1.65 9.35
CA ILE A 179 -10.96 -1.58 8.23
C ILE A 179 -12.42 -1.37 8.64
N LYS A 180 -12.75 -1.63 9.90
CA LYS A 180 -14.12 -1.34 10.31
C LYS A 180 -14.30 0.09 10.80
N ASP A 181 -13.24 0.91 10.71
CA ASP A 181 -13.28 2.28 11.24
C ASP A 181 -13.19 3.18 10.02
N VAL A 182 -14.36 3.59 9.52
CA VAL A 182 -14.48 4.34 8.24
C VAL A 182 -14.83 5.77 8.59
N GLY A 183 -14.25 6.77 7.89
CA GLY A 183 -14.46 8.16 8.27
C GLY A 183 -15.19 8.98 7.20
N VAL A 184 -16.29 8.41 6.68
CA VAL A 184 -16.97 9.02 5.55
C VAL A 184 -18.18 9.87 5.99
N ASP A 185 -18.83 9.52 7.12
CA ASP A 185 -19.97 10.34 7.57
C ASP A 185 -19.72 11.04 8.89
N ASN A 186 -18.46 11.22 9.26
CA ASN A 186 -18.17 12.01 10.45
C ASN A 186 -18.32 13.51 10.26
N ALA A 187 -18.17 14.26 11.34
CA ALA A 187 -18.38 15.72 11.27
C ALA A 187 -17.44 16.41 10.31
N GLY A 188 -16.21 15.89 10.20
CA GLY A 188 -15.24 16.52 9.28
C GLY A 188 -15.63 16.36 7.81
N ALA A 189 -16.01 15.15 7.45
CA ALA A 189 -16.44 14.90 6.07
C ALA A 189 -17.69 15.70 5.76
N LYS A 190 -18.66 15.71 6.69
CA LYS A 190 -19.86 16.51 6.44
C LYS A 190 -19.51 17.99 6.24
N ALA A 191 -18.63 18.53 7.08
CA ALA A 191 -18.27 19.94 6.93
C ALA A 191 -17.64 20.24 5.56
N GLY A 192 -16.73 19.37 5.12
CA GLY A 192 -16.08 19.60 3.82
C GLY A 192 -17.02 19.47 2.64
N LEU A 193 -17.87 18.42 2.65
CA LEU A 193 -18.82 18.25 1.58
C LEU A 193 -19.85 19.38 1.59
N THR A 194 -20.28 19.83 2.79
CA THR A 194 -21.23 20.96 2.83
C THR A 194 -20.57 22.18 2.22
N PHE A 195 -19.26 22.39 2.46
CA PHE A 195 -18.61 23.57 1.86
C PHE A 195 -18.60 23.49 0.34
N LEU A 196 -18.30 22.29 -0.18
CA LEU A 196 -18.32 22.02 -1.63
C LEU A 196 -19.72 22.26 -2.24
N VAL A 197 -20.74 21.71 -1.59
CA VAL A 197 -22.11 21.86 -2.09
C VAL A 197 -22.51 23.34 -2.02
N ASP A 198 -22.07 24.05 -0.99
CA ASP A 198 -22.38 25.50 -0.90
C ASP A 198 -21.70 26.31 -2.00
N LEU A 199 -20.50 25.90 -2.41
CA LEU A 199 -19.88 26.59 -3.54
C LEU A 199 -20.75 26.44 -4.77
N ILE A 200 -21.35 25.27 -4.95
CA ILE A 200 -22.18 25.02 -6.11
C ILE A 200 -23.50 25.82 -5.97
N LYS A 201 -24.11 25.75 -4.80
CA LYS A 201 -25.38 26.50 -4.60
C LYS A 201 -25.23 28.01 -4.82
N ASN A 202 -24.07 28.55 -4.44
CA ASN A 202 -23.78 29.98 -4.60
C ASN A 202 -23.19 30.34 -5.95
N LYS A 203 -23.16 29.37 -6.89
CA LYS A 203 -22.74 29.59 -8.27
C LYS A 203 -21.27 29.92 -8.42
N HIS A 204 -20.48 29.47 -7.44
CA HIS A 204 -19.03 29.60 -7.60
C HIS A 204 -18.48 28.39 -8.37
N MET A 205 -19.21 27.29 -8.38
CA MET A 205 -18.88 26.11 -9.21
C MET A 205 -20.15 25.49 -9.74
N ASN A 206 -20.02 24.60 -10.71
CA ASN A 206 -21.18 24.03 -11.41
C ASN A 206 -21.08 22.54 -11.16
N ALA A 207 -22.18 21.92 -10.72
CA ALA A 207 -22.17 20.48 -10.40
C ALA A 207 -21.79 19.58 -11.57
N ASP A 208 -21.96 20.09 -12.79
CA ASP A 208 -21.65 19.32 -13.99
C ASP A 208 -20.19 19.35 -14.42
N THR A 209 -19.35 20.16 -13.75
CA THR A 209 -17.97 20.27 -14.21
C THR A 209 -17.23 18.97 -14.07
N ASP A 210 -16.55 18.57 -15.15
CA ASP A 210 -15.81 17.29 -15.15
C ASP A 210 -14.36 17.52 -15.51
N TYR A 211 -13.62 16.44 -15.76
CA TYR A 211 -12.19 16.60 -16.03
C TYR A 211 -11.90 17.45 -17.25
N SER A 212 -12.59 17.18 -18.35
CA SER A 212 -12.32 17.90 -19.59
C SER A 212 -12.73 19.33 -19.52
N ILE A 213 -13.89 19.60 -18.93
CA ILE A 213 -14.43 20.94 -18.88
C ILE A 213 -13.51 21.81 -18.04
N ALA A 214 -13.08 21.32 -16.89
CA ALA A 214 -12.14 22.10 -16.09
C ALA A 214 -10.77 22.32 -16.73
N GLU A 215 -10.25 21.28 -17.36
CA GLU A 215 -8.94 21.42 -18.05
C GLU A 215 -9.04 22.45 -19.16
N ALA A 216 -10.13 22.38 -19.95
CA ALA A 216 -10.24 23.32 -21.04
C ALA A 216 -10.37 24.78 -20.54
N ALA A 217 -11.14 25.01 -19.48
CA ALA A 217 -11.33 26.36 -18.94
C ALA A 217 -10.00 26.91 -18.42
N PHE A 218 -9.25 26.10 -17.67
CA PHE A 218 -8.00 26.61 -17.15
C PHE A 218 -7.03 26.88 -18.28
N ASN A 219 -6.91 25.95 -19.23
CA ASN A 219 -5.87 26.07 -20.24
C ASN A 219 -6.24 27.12 -21.29
N LYS A 220 -7.48 27.60 -21.25
CA LYS A 220 -7.90 28.72 -22.13
C LYS A 220 -7.90 30.04 -21.38
N GLY A 221 -7.44 30.04 -20.14
CA GLY A 221 -7.40 31.29 -19.35
C GLY A 221 -8.72 31.81 -18.83
N GLU A 222 -9.73 30.95 -18.72
CA GLU A 222 -11.08 31.36 -18.32
C GLU A 222 -11.30 31.30 -16.82
N THR A 223 -10.56 30.41 -16.16
CA THR A 223 -10.67 30.26 -14.71
C THR A 223 -9.27 30.42 -14.10
N ALA A 224 -9.19 30.96 -12.89
CA ALA A 224 -7.86 31.27 -12.31
C ALA A 224 -7.15 30.10 -11.63
N MET A 225 -7.89 29.05 -11.31
CA MET A 225 -7.29 27.89 -10.62
C MET A 225 -7.96 26.63 -11.03
N THR A 226 -7.21 25.55 -10.91
CA THR A 226 -7.78 24.21 -11.03
C THR A 226 -7.07 23.31 -10.01
N ILE A 227 -7.60 22.11 -9.82
CA ILE A 227 -6.96 21.11 -8.92
C ILE A 227 -6.63 19.91 -9.77
N ASN A 228 -5.33 19.61 -9.90
CA ASN A 228 -4.95 18.53 -10.81
C ASN A 228 -3.58 18.04 -10.46
N GLY A 229 -3.16 16.95 -11.10
CA GLY A 229 -1.84 16.38 -10.74
C GLY A 229 -0.80 16.56 -11.84
N PRO A 230 0.37 16.01 -11.63
CA PRO A 230 1.48 16.27 -12.56
C PRO A 230 1.32 15.73 -13.96
N TRP A 231 0.45 14.72 -14.12
CA TRP A 231 0.06 14.23 -15.45
C TRP A 231 -0.59 15.29 -16.31
N ALA A 232 -1.05 16.38 -15.72
CA ALA A 232 -1.74 17.42 -16.46
C ALA A 232 -0.83 18.55 -16.93
N TRP A 233 0.39 18.59 -16.36
CA TRP A 233 1.24 19.79 -16.60
C TRP A 233 1.60 19.94 -18.07
N SER A 234 1.86 18.83 -18.77
CA SER A 234 2.28 19.00 -20.17
C SER A 234 1.22 19.67 -21.03
N ASN A 235 -0.09 19.40 -20.78
CA ASN A 235 -1.08 20.11 -21.59
C ASN A 235 -1.10 21.61 -21.27
N ILE A 236 -0.84 21.96 -20.00
CA ILE A 236 -0.79 23.40 -19.67
C ILE A 236 0.43 24.04 -20.33
N ASP A 237 1.54 23.29 -20.39
CA ASP A 237 2.77 23.86 -21.02
C ASP A 237 2.41 24.23 -22.43
N THR A 238 1.67 23.37 -23.12
CA THR A 238 1.36 23.63 -24.52
C THR A 238 0.43 24.82 -24.67
N SER A 239 -0.35 25.08 -23.64
CA SER A 239 -1.34 26.14 -23.67
C SER A 239 -0.73 27.52 -23.54
N LYS A 240 0.53 27.57 -23.12
CA LYS A 240 1.20 28.81 -22.75
C LYS A 240 0.58 29.68 -21.64
N VAL A 241 -0.46 29.18 -20.93
CA VAL A 241 -0.89 29.89 -19.73
C VAL A 241 0.31 30.00 -18.80
N ASN A 242 0.48 31.16 -18.16
CA ASN A 242 1.57 31.39 -17.22
C ASN A 242 1.13 30.84 -15.85
N TYR A 243 1.43 29.56 -15.62
CA TYR A 243 0.87 28.88 -14.44
C TYR A 243 1.92 28.58 -13.38
N GLY A 244 1.41 28.40 -12.17
CA GLY A 244 2.19 27.91 -11.02
C GLY A 244 1.47 26.75 -10.39
N VAL A 245 2.19 26.06 -9.50
CA VAL A 245 1.66 24.87 -8.78
C VAL A 245 2.03 25.07 -7.34
N THR A 246 1.01 24.94 -6.47
CA THR A 246 1.21 25.32 -5.07
C THR A 246 0.42 24.42 -4.10
N VAL A 247 0.61 24.67 -2.79
CA VAL A 247 -0.12 23.96 -1.75
C VAL A 247 -1.61 24.18 -1.91
N LEU A 248 -2.39 23.13 -1.74
CA LEU A 248 -3.82 23.28 -1.76
C LEU A 248 -4.31 24.19 -0.60
N PRO A 249 -5.47 24.82 -0.78
CA PRO A 249 -5.97 25.71 0.28
C PRO A 249 -6.31 24.89 1.54
N THR A 250 -6.26 25.57 2.69
CA THR A 250 -6.65 24.88 3.93
C THR A 250 -8.17 25.05 4.10
N PHE A 251 -8.77 24.22 4.94
CA PHE A 251 -10.18 24.37 5.25
C PHE A 251 -10.30 24.24 6.78
N LYS A 252 -11.01 25.19 7.42
CA LYS A 252 -11.06 25.26 8.91
C LYS A 252 -9.69 25.17 9.50
N GLY A 253 -8.74 25.78 8.82
CA GLY A 253 -7.36 25.80 9.32
C GLY A 253 -6.56 24.52 9.21
N GLN A 254 -7.06 23.56 8.45
CA GLN A 254 -6.40 22.25 8.29
C GLN A 254 -6.03 22.05 6.82
N PRO A 255 -4.92 21.38 6.53
CA PRO A 255 -4.61 21.20 5.10
C PRO A 255 -5.63 20.36 4.37
N SER A 256 -5.86 20.67 3.08
CA SER A 256 -6.58 19.71 2.26
C SER A 256 -5.76 18.43 2.19
N LYS A 257 -6.45 17.30 2.15
CA LYS A 257 -5.74 15.99 2.22
C LYS A 257 -5.94 15.13 1.00
N PRO A 258 -5.18 15.40 -0.07
CA PRO A 258 -5.34 14.57 -1.27
C PRO A 258 -4.80 13.15 -1.01
N PHE A 259 -5.34 12.21 -1.78
CA PHE A 259 -4.78 10.85 -1.70
C PHE A 259 -3.42 10.81 -2.32
N VAL A 260 -2.55 10.00 -1.70
CA VAL A 260 -1.18 9.97 -2.11
C VAL A 260 -0.90 8.62 -2.75
N GLY A 261 -0.27 8.61 -3.94
CA GLY A 261 0.12 7.36 -4.60
C GLY A 261 1.63 7.31 -4.63
N VAL A 262 2.18 6.18 -4.20
CA VAL A 262 3.63 6.02 -4.11
C VAL A 262 4.04 4.91 -5.05
N LEU A 263 4.72 5.28 -6.12
CA LEU A 263 5.24 4.26 -7.04
C LEU A 263 6.29 3.53 -6.25
N SER A 264 6.17 2.19 -6.22
CA SER A 264 6.99 1.37 -5.32
C SER A 264 7.49 0.16 -6.05
N ALA A 265 8.59 -0.40 -5.52
CA ALA A 265 9.17 -1.61 -6.12
C ALA A 265 9.12 -2.81 -5.17
N GLY A 266 8.37 -3.83 -5.56
CA GLY A 266 8.15 -5.02 -4.71
C GLY A 266 8.96 -6.18 -5.25
N ILE A 267 9.32 -7.12 -4.38
CA ILE A 267 10.12 -8.30 -4.75
C ILE A 267 9.19 -9.52 -4.73
N ASN A 268 9.20 -10.27 -5.82
CA ASN A 268 8.34 -11.49 -5.97
C ASN A 268 8.70 -12.51 -4.89
N ALA A 269 7.72 -12.95 -4.10
CA ALA A 269 8.00 -13.93 -3.00
C ALA A 269 8.58 -15.23 -3.52
N ALA A 270 8.39 -15.50 -4.81
CA ALA A 270 8.93 -16.75 -5.40
C ALA A 270 10.29 -16.59 -6.04
N SER A 271 10.80 -15.38 -6.06
CA SER A 271 12.10 -15.13 -6.69
C SER A 271 13.26 -15.81 -5.97
N PRO A 272 14.16 -16.45 -6.74
CA PRO A 272 15.40 -16.98 -6.18
C PRO A 272 16.51 -15.94 -6.13
N ASN A 273 16.15 -14.69 -6.39
CA ASN A 273 17.11 -13.60 -6.49
C ASN A 273 16.79 -12.44 -5.55
N LYS A 274 16.27 -12.73 -4.36
CA LYS A 274 15.85 -11.69 -3.42
C LYS A 274 17.01 -10.81 -2.99
N GLU A 275 18.19 -11.40 -2.76
CA GLU A 275 19.32 -10.59 -2.37
C GLU A 275 19.84 -9.75 -3.51
N LEU A 276 19.88 -10.32 -4.72
CA LEU A 276 20.25 -9.54 -5.91
C LEU A 276 19.27 -8.37 -6.14
N ALA A 277 17.98 -8.61 -5.88
CA ALA A 277 16.98 -7.53 -6.10
C ALA A 277 17.19 -6.42 -5.09
N LYS A 278 17.47 -6.79 -3.84
CA LYS A 278 17.76 -5.81 -2.82
C LYS A 278 19.01 -5.01 -3.20
N GLU A 279 20.06 -5.70 -3.67
CA GLU A 279 21.29 -5.05 -4.08
C GLU A 279 21.06 -4.01 -5.19
N PHE A 280 20.30 -4.43 -6.20
CA PHE A 280 19.95 -3.53 -7.29
C PHE A 280 19.16 -2.30 -6.82
N LEU A 281 18.12 -2.57 -6.02
CA LEU A 281 17.26 -1.48 -5.59
C LEU A 281 17.92 -0.48 -4.64
N GLU A 282 18.68 -0.98 -3.65
CA GLU A 282 19.30 -0.10 -2.66
C GLU A 282 20.57 0.56 -3.17
N ASN A 283 21.35 -0.17 -3.96
CA ASN A 283 22.67 0.34 -4.29
C ASN A 283 22.78 0.93 -5.66
N TYR A 284 21.73 0.76 -6.49
CA TYR A 284 21.79 1.30 -7.86
C TYR A 284 20.59 2.17 -8.16
N LEU A 285 19.37 1.67 -7.89
CA LEU A 285 18.19 2.44 -8.35
C LEU A 285 17.90 3.59 -7.41
N LEU A 286 17.83 3.31 -6.10
CA LEU A 286 17.53 4.38 -5.15
C LEU A 286 18.74 5.18 -4.75
N THR A 287 19.34 5.80 -5.77
CA THR A 287 20.47 6.69 -5.63
C THR A 287 20.22 7.89 -6.51
N ASP A 288 20.97 8.97 -6.33
CA ASP A 288 20.78 10.15 -7.20
C ASP A 288 21.00 9.82 -8.65
N GLU A 289 22.02 9.03 -8.95
CA GLU A 289 22.32 8.65 -10.33
C GLU A 289 21.26 7.74 -10.96
N GLY A 290 20.79 6.78 -10.18
CA GLY A 290 19.79 5.84 -10.66
C GLY A 290 18.45 6.50 -10.95
N LEU A 291 17.97 7.27 -9.96
CA LEU A 291 16.69 7.98 -10.19
C LEU A 291 16.86 9.01 -11.29
N GLU A 292 18.01 9.69 -11.40
CA GLU A 292 18.19 10.68 -12.50
C GLU A 292 18.03 9.99 -13.86
N ALA A 293 18.52 8.76 -13.95
CA ALA A 293 18.46 8.06 -15.24
C ALA A 293 17.00 7.77 -15.61
N VAL A 294 16.24 7.32 -14.63
CA VAL A 294 14.83 7.05 -14.88
C VAL A 294 14.10 8.37 -15.22
N ASN A 295 14.33 9.39 -14.41
CA ASN A 295 13.65 10.69 -14.56
C ASN A 295 13.91 11.38 -15.89
N LYS A 296 15.12 11.21 -16.41
CA LYS A 296 15.49 11.86 -17.66
C LYS A 296 14.68 11.28 -18.80
N ASP A 297 14.37 9.99 -18.70
CA ASP A 297 13.55 9.29 -19.70
C ASP A 297 12.13 9.79 -19.56
N LYS A 298 11.51 9.62 -18.38
CA LYS A 298 10.17 10.13 -18.16
C LYS A 298 10.11 10.61 -16.71
N PRO A 299 9.71 11.85 -16.45
CA PRO A 299 9.81 12.39 -15.10
C PRO A 299 9.06 11.57 -14.05
N LEU A 300 9.77 11.35 -12.93
CA LEU A 300 9.17 10.61 -11.85
C LEU A 300 8.28 11.48 -10.98
N GLY A 301 8.38 12.81 -11.12
CA GLY A 301 7.68 13.69 -10.20
C GLY A 301 8.49 13.90 -8.93
N ALA A 302 7.86 13.96 -7.78
CA ALA A 302 8.57 14.02 -6.50
C ALA A 302 9.04 12.63 -6.16
N VAL A 303 10.22 12.53 -5.54
CA VAL A 303 10.74 11.21 -5.18
C VAL A 303 10.90 10.99 -3.70
N ALA A 304 10.97 9.71 -3.30
CA ALA A 304 11.03 9.37 -1.89
C ALA A 304 12.44 9.57 -1.34
N LEU A 305 13.45 9.51 -2.21
CA LEU A 305 14.85 9.62 -1.79
C LEU A 305 15.20 11.09 -1.50
N LYS A 306 15.53 11.40 -0.24
CA LYS A 306 15.70 12.79 0.20
C LYS A 306 16.77 13.51 -0.65
N SER A 307 17.93 12.89 -0.86
CA SER A 307 19.01 13.57 -1.58
C SER A 307 18.63 14.03 -2.97
N TYR A 308 17.91 13.19 -3.71
CA TYR A 308 17.54 13.54 -5.07
C TYR A 308 16.34 14.48 -5.05
N GLU A 309 15.41 14.29 -4.11
CA GLU A 309 14.30 15.26 -4.00
C GLU A 309 14.83 16.67 -3.73
N GLU A 310 15.90 16.79 -2.93
CA GLU A 310 16.46 18.10 -2.59
C GLU A 310 17.04 18.76 -3.83
N GLU A 311 17.33 17.97 -4.84
CA GLU A 311 17.76 18.50 -6.14
C GLU A 311 16.54 18.90 -7.00
N LEU A 312 15.56 18.00 -7.07
CA LEU A 312 14.40 18.23 -7.91
C LEU A 312 13.62 19.46 -7.51
N VAL A 313 13.59 19.79 -6.20
CA VAL A 313 12.77 20.95 -5.79
C VAL A 313 13.30 22.31 -6.24
N LYS A 314 14.33 22.32 -7.08
CA LYS A 314 14.73 23.53 -7.81
C LYS A 314 13.46 23.95 -8.58
N ASP A 315 12.64 22.96 -8.99
CA ASP A 315 11.34 23.18 -9.66
C ASP A 315 10.29 23.29 -8.58
N PRO A 316 9.72 24.48 -8.36
CA PRO A 316 8.76 24.67 -7.27
C PRO A 316 7.50 23.81 -7.49
N ARG A 317 7.26 23.35 -8.73
CA ARG A 317 6.05 22.50 -8.93
C ARG A 317 6.22 21.16 -8.22
N ILE A 318 7.46 20.67 -8.22
CA ILE A 318 7.75 19.36 -7.58
C ILE A 318 7.71 19.51 -6.08
N ALA A 319 8.18 20.65 -5.58
CA ALA A 319 8.08 20.98 -4.19
C ALA A 319 6.61 20.99 -3.74
N ALA A 320 5.73 21.55 -4.59
CA ALA A 320 4.31 21.56 -4.25
C ALA A 320 3.71 20.17 -4.24
N THR A 321 4.06 19.32 -5.20
CA THR A 321 3.53 17.94 -5.15
C THR A 321 3.95 17.30 -3.83
N MET A 322 5.21 17.45 -3.46
CA MET A 322 5.64 16.77 -2.24
C MET A 322 4.96 17.35 -0.99
N GLU A 323 4.76 18.67 -0.96
CA GLU A 323 4.13 19.27 0.22
C GLU A 323 2.72 18.75 0.38
N ASN A 324 1.98 18.78 -0.73
CA ASN A 324 0.62 18.24 -0.71
C ASN A 324 0.59 16.75 -0.34
N ALA A 325 1.58 15.98 -0.82
CA ALA A 325 1.62 14.55 -0.48
C ALA A 325 1.90 14.34 1.03
N GLN A 326 2.81 15.14 1.58
CA GLN A 326 3.15 14.96 3.01
C GLN A 326 1.96 15.30 3.91
N LYS A 327 1.11 16.21 3.45
CA LYS A 327 -0.09 16.59 4.21
C LYS A 327 -1.30 15.73 3.88
N GLY A 328 -1.18 14.84 2.88
CA GLY A 328 -2.30 14.06 2.33
C GLY A 328 -2.57 12.75 3.02
N GLU A 329 -3.57 12.02 2.49
CA GLU A 329 -3.98 10.70 3.01
C GLU A 329 -3.30 9.67 2.09
N ILE A 330 -2.36 8.86 2.62
CA ILE A 330 -1.81 7.75 1.83
C ILE A 330 -2.97 6.87 1.32
N MET A 331 -3.02 6.56 0.01
CA MET A 331 -4.16 5.67 -0.41
C MET A 331 -4.09 4.34 0.31
N PRO A 332 -5.19 3.92 0.91
CA PRO A 332 -5.09 2.64 1.61
C PRO A 332 -4.84 1.49 0.65
N ASN A 333 -4.10 0.49 1.13
CA ASN A 333 -3.77 -0.67 0.27
C ASN A 333 -4.63 -1.88 0.55
N ILE A 334 -5.86 -1.67 0.96
CA ILE A 334 -6.67 -2.82 1.36
C ILE A 334 -7.83 -2.92 0.35
N PRO A 335 -8.47 -4.10 0.23
CA PRO A 335 -9.39 -4.23 -0.90
C PRO A 335 -10.69 -3.45 -0.77
N GLN A 336 -11.08 -3.11 0.46
CA GLN A 336 -12.36 -2.44 0.68
C GLN A 336 -12.36 -1.02 0.14
N MET A 337 -11.20 -0.53 -0.30
CA MET A 337 -11.27 0.73 -1.07
C MET A 337 -12.17 0.61 -2.29
N SER A 338 -12.39 -0.58 -2.86
CA SER A 338 -13.35 -0.63 -4.00
C SER A 338 -14.72 -0.18 -3.54
N ALA A 339 -15.09 -0.54 -2.31
CA ALA A 339 -16.36 -0.07 -1.81
C ALA A 339 -16.36 1.41 -1.52
N PHE A 340 -15.22 1.91 -1.04
CA PHE A 340 -15.08 3.36 -0.82
C PHE A 340 -15.33 4.16 -2.12
N TRP A 341 -14.66 3.82 -3.21
CA TRP A 341 -14.85 4.56 -4.45
C TRP A 341 -16.30 4.50 -4.92
N TYR A 342 -16.89 3.31 -4.82
CA TYR A 342 -18.22 3.14 -5.39
C TYR A 342 -19.21 3.97 -4.60
N ALA A 343 -19.09 3.93 -3.27
CA ALA A 343 -20.06 4.57 -2.42
C ALA A 343 -19.88 6.08 -2.37
N VAL A 344 -18.62 6.56 -2.24
CA VAL A 344 -18.41 7.99 -2.12
C VAL A 344 -18.67 8.67 -3.47
N ARG A 345 -18.47 7.95 -4.58
CA ARG A 345 -18.82 8.57 -5.87
C ARG A 345 -20.30 8.93 -5.94
N THR A 346 -21.16 7.99 -5.49
CA THR A 346 -22.60 8.31 -5.49
C THR A 346 -22.97 9.42 -4.53
N ALA A 347 -22.30 9.42 -3.35
CA ALA A 347 -22.59 10.39 -2.32
C ALA A 347 -22.33 11.79 -2.81
N VAL A 348 -21.13 12.00 -3.41
CA VAL A 348 -20.77 13.35 -3.77
C VAL A 348 -21.64 13.83 -4.95
N ILE A 349 -21.92 12.92 -5.89
CA ILE A 349 -22.76 13.32 -7.01
C ILE A 349 -24.13 13.70 -6.48
N ASN A 350 -24.67 12.91 -5.54
CA ASN A 350 -26.04 13.13 -5.12
C ASN A 350 -26.13 14.39 -4.29
N ALA A 351 -25.10 14.65 -3.46
CA ALA A 351 -25.14 15.86 -2.64
C ALA A 351 -25.00 17.10 -3.52
N ALA A 352 -24.17 16.98 -4.58
CA ALA A 352 -23.91 18.14 -5.44
C ALA A 352 -25.09 18.45 -6.34
N SER A 353 -25.85 17.43 -6.71
CA SER A 353 -27.03 17.64 -7.56
C SER A 353 -28.24 18.01 -6.75
N GLY A 354 -28.19 17.78 -5.44
CA GLY A 354 -29.36 18.01 -4.59
C GLY A 354 -30.31 16.84 -4.53
N ARG A 355 -29.92 15.71 -5.11
CA ARG A 355 -30.72 14.49 -4.99
C ARG A 355 -30.81 13.96 -3.58
N GLN A 356 -29.76 14.17 -2.80
CA GLN A 356 -29.80 13.91 -1.37
C GLN A 356 -29.14 15.07 -0.62
N THR A 357 -29.43 15.19 0.68
CA THR A 357 -28.70 16.15 1.48
C THR A 357 -27.32 15.57 1.76
N VAL A 358 -26.42 16.42 2.20
CA VAL A 358 -25.05 15.97 2.54
C VAL A 358 -25.09 14.87 3.60
N ASP A 359 -25.91 15.06 4.63
CA ASP A 359 -25.97 14.09 5.71
C ASP A 359 -26.49 12.71 5.26
N GLU A 360 -27.56 12.68 4.48
CA GLU A 360 -28.13 11.45 3.93
C GLU A 360 -27.11 10.77 2.99
N ALA A 361 -26.49 11.55 2.11
CA ALA A 361 -25.57 11.01 1.11
C ALA A 361 -24.40 10.30 1.79
N LEU A 362 -23.84 10.97 2.81
CA LEU A 362 -22.66 10.43 3.46
C LEU A 362 -23.03 9.29 4.39
N LYS A 363 -24.20 9.35 5.03
CA LYS A 363 -24.66 8.21 5.86
C LYS A 363 -24.83 6.97 5.00
N ASP A 364 -25.49 7.12 3.82
CA ASP A 364 -25.67 5.96 2.94
C ASP A 364 -24.31 5.41 2.52
N ALA A 365 -23.37 6.29 2.18
CA ALA A 365 -22.05 5.80 1.80
C ALA A 365 -21.31 5.06 2.92
N GLN A 366 -21.33 5.66 4.10
CA GLN A 366 -20.72 5.06 5.27
C GLN A 366 -21.31 3.64 5.51
N THR A 367 -22.63 3.51 5.40
CA THR A 367 -23.29 2.21 5.64
C THR A 367 -22.84 1.19 4.63
N ARG A 368 -22.80 1.59 3.35
CA ARG A 368 -22.35 0.68 2.30
C ARG A 368 -20.91 0.19 2.52
N ILE A 369 -20.01 1.12 2.87
CA ILE A 369 -18.62 0.74 3.14
C ILE A 369 -18.46 -0.17 4.37
N GLU A 370 -19.21 0.13 5.42
CA GLU A 370 -19.16 -0.72 6.62
C GLU A 370 -19.66 -2.12 6.32
N ALA A 371 -20.68 -2.21 5.46
CA ALA A 371 -21.23 -3.52 5.08
C ALA A 371 -20.13 -4.28 4.35
N ALA A 372 -19.46 -3.60 3.43
CA ALA A 372 -18.36 -4.23 2.72
C ALA A 372 -17.21 -4.64 3.66
N ALA A 373 -17.06 -3.93 4.75
CA ALA A 373 -15.96 -4.19 5.65
C ALA A 373 -16.33 -5.26 6.66
N LYS A 374 -17.59 -5.67 6.69
CA LYS A 374 -18.03 -6.66 7.70
C LYS A 374 -17.33 -8.01 7.57
N GLU A 375 -16.99 -8.46 6.35
CA GLU A 375 -16.15 -9.67 6.17
C GLU A 375 -14.71 -9.19 6.45
N ALA A 376 -13.68 -9.73 5.80
CA ALA A 376 -12.29 -9.29 6.04
C ALA A 376 -11.75 -9.67 7.42
N ALA A 377 -12.59 -9.55 8.45
CA ALA A 377 -12.37 -10.28 9.68
C ALA A 377 -12.20 -11.71 9.21
N ALA A 378 -13.23 -12.20 8.52
CA ALA A 378 -13.30 -13.56 8.00
C ALA A 378 -11.99 -14.09 7.40
N LYS A 379 -11.28 -13.28 6.63
CA LYS A 379 -10.05 -13.79 6.01
C LYS A 379 -8.92 -14.08 7.01
N GLU A 380 -8.65 -13.13 7.91
CA GLU A 380 -7.63 -13.38 8.90
C GLU A 380 -8.12 -14.45 9.88
N ALA A 381 -9.43 -14.51 10.13
CA ALA A 381 -9.99 -15.52 11.03
C ALA A 381 -9.74 -16.91 10.46
N ALA A 382 -9.95 -17.03 9.16
CA ALA A 382 -9.74 -18.31 8.48
C ALA A 382 -8.26 -18.66 8.44
N ALA A 383 -7.39 -17.66 8.26
CA ALA A 383 -5.95 -17.87 8.26
C ALA A 383 -5.51 -18.39 9.64
N LYS A 384 -6.06 -17.77 10.69
CA LYS A 384 -5.75 -18.23 12.05
C LYS A 384 -6.28 -19.65 12.26
N ALA A 385 -7.46 -19.96 11.71
CA ALA A 385 -8.00 -21.29 11.94
C ALA A 385 -7.17 -22.33 11.21
N ALA A 386 -6.57 -21.94 10.08
CA ALA A 386 -5.65 -22.84 9.38
C ALA A 386 -4.42 -23.15 10.22
N ASP A 387 -3.90 -22.13 10.89
CA ASP A 387 -2.81 -22.39 11.85
C ASP A 387 -3.28 -23.29 13.00
N THR A 388 -4.46 -23.04 13.58
CA THR A 388 -4.92 -23.92 14.65
C THR A 388 -5.00 -25.36 14.15
N GLN A 389 -5.44 -25.58 12.90
CA GLN A 389 -5.53 -26.96 12.37
C GLN A 389 -4.16 -27.59 12.17
N LEU A 390 -3.18 -26.82 11.70
CA LEU A 390 -1.83 -27.40 11.63
C LEU A 390 -1.34 -27.84 12.98
N PHE A 391 -1.55 -27.00 13.99
CA PHE A 391 -1.11 -27.26 15.38
C PHE A 391 -1.81 -28.49 15.91
N ASN A 392 -3.14 -28.57 15.76
CA ASN A 392 -3.86 -29.74 16.28
C ASN A 392 -3.41 -31.02 15.60
N ARG A 393 -3.18 -30.98 14.29
CA ARG A 393 -2.68 -32.19 13.62
C ARG A 393 -1.31 -32.63 14.17
N ALA A 394 -0.41 -31.66 14.29
CA ALA A 394 0.94 -31.96 14.78
C ALA A 394 0.93 -32.44 16.23
N VAL A 395 0.08 -31.84 17.06
CA VAL A 395 0.01 -32.25 18.46
C VAL A 395 -0.45 -33.70 18.48
N SER A 396 -1.46 -34.03 17.66
CA SER A 396 -1.91 -35.43 17.62
C SER A 396 -0.76 -36.37 17.20
N MET A 397 0.04 -36.01 16.21
CA MET A 397 1.14 -36.87 15.75
C MET A 397 2.15 -37.04 16.85
N VAL A 398 2.46 -35.97 17.55
CA VAL A 398 3.50 -36.04 18.58
C VAL A 398 3.04 -36.88 19.74
N GLU A 399 1.80 -36.67 20.19
CA GLU A 399 1.36 -37.34 21.41
C GLU A 399 1.03 -38.84 21.15
N LYS A 400 0.94 -39.26 19.88
CA LYS A 400 0.74 -40.67 19.53
C LYS A 400 2.00 -41.42 19.26
N ASN A 401 3.10 -40.70 19.28
CA ASN A 401 4.37 -41.31 18.94
C ASN A 401 5.03 -41.94 20.19
N LYS A 402 5.18 -43.26 20.22
CA LYS A 402 5.69 -43.95 21.40
C LYS A 402 7.10 -43.45 21.78
N ASP A 403 7.95 -43.24 20.77
CA ASP A 403 9.34 -42.85 21.04
C ASP A 403 9.36 -41.47 21.69
N ILE A 404 8.55 -40.56 21.15
CA ILE A 404 8.51 -39.21 21.74
C ILE A 404 7.91 -39.23 23.16
N ARG A 405 6.88 -40.02 23.37
CA ARG A 405 6.37 -40.13 24.76
C ARG A 405 7.45 -40.57 25.74
N SER A 406 8.30 -41.50 25.28
CA SER A 406 9.42 -41.96 26.14
C SER A 406 10.43 -40.86 26.38
N LEU A 407 10.75 -40.10 25.32
CA LEU A 407 11.69 -38.99 25.50
C LEU A 407 11.13 -37.95 26.49
N LEU A 408 9.80 -37.76 26.45
CA LEU A 408 9.13 -36.80 27.35
C LEU A 408 8.94 -37.35 28.78
N GLN A 409 9.37 -38.61 28.99
CA GLN A 409 9.17 -39.33 30.26
C GLN A 409 7.71 -39.28 30.75
N CYS A 410 6.80 -39.55 29.82
CA CYS A 410 5.36 -39.54 30.13
C CYS A 410 5.05 -40.57 31.23
N ASP A 411 4.11 -40.22 32.09
CA ASP A 411 3.66 -41.11 33.19
C ASP A 411 2.52 -41.95 32.55
N ASP A 412 2.91 -43.04 31.88
CA ASP A 412 1.99 -43.92 31.15
C ASP A 412 2.05 -45.31 31.79
N GLY A 413 0.91 -45.96 31.83
CA GLY A 413 0.90 -47.30 32.38
C GLY A 413 -0.51 -47.82 32.33
N ILE A 414 -0.73 -48.94 33.01
CA ILE A 414 -2.01 -49.58 32.88
C ILE A 414 -3.19 -48.73 33.32
N THR A 415 -2.98 -47.77 34.24
CA THR A 415 -4.10 -46.93 34.73
C THR A 415 -4.41 -45.74 33.82
N GLY A 416 -3.56 -45.48 32.82
CA GLY A 416 -3.79 -44.34 31.91
C GLY A 416 -2.54 -43.77 31.29
N LYS A 417 -2.73 -42.94 30.26
CA LYS A 417 -1.64 -42.25 29.60
C LYS A 417 -1.68 -40.81 30.01
N GLU A 418 -0.52 -40.25 30.33
CA GLU A 418 -0.42 -38.81 30.66
C GLU A 418 -1.01 -37.90 29.57
N ARG A 419 -1.83 -36.92 30.01
CA ARG A 419 -2.36 -35.91 29.09
C ARG A 419 -1.35 -34.79 28.92
N LEU A 420 -0.77 -34.69 27.75
CA LEU A 420 0.27 -33.65 27.49
C LEU A 420 -0.38 -32.29 27.30
N LYS A 421 0.35 -31.24 27.62
CA LYS A 421 -0.12 -29.89 27.24
C LYS A 421 0.68 -29.40 26.04
N ALA A 422 0.10 -28.47 25.30
CA ALA A 422 0.77 -27.88 24.14
C ALA A 422 0.39 -26.45 23.97
N TYR A 423 1.35 -25.63 23.54
CA TYR A 423 1.09 -24.15 23.54
C TYR A 423 2.22 -23.46 22.83
N GLY A 424 2.06 -22.16 22.53
CA GLY A 424 3.07 -21.45 21.75
C GLY A 424 4.21 -20.92 22.62
N GLU A 425 4.96 -20.00 22.04
CA GLU A 425 6.19 -19.49 22.68
C GLU A 425 5.98 -18.13 23.31
N LEU A 426 6.85 -17.78 24.28
CA LEU A 426 6.82 -16.44 24.92
C LEU A 426 7.44 -15.37 24.08
N ILE A 427 8.32 -15.75 23.13
CA ILE A 427 8.85 -14.81 22.15
C ILE A 427 8.46 -15.38 20.78
N THR A 428 7.69 -14.59 20.04
CA THR A 428 7.15 -15.00 18.74
C THR A 428 7.52 -13.93 17.71
N ASN A 429 8.26 -14.30 16.67
CA ASN A 429 8.69 -13.32 15.62
C ASN A 429 9.39 -12.15 16.29
N ASP A 430 10.24 -12.48 17.26
CA ASP A 430 11.02 -11.47 17.99
C ASP A 430 10.19 -10.48 18.78
N LYS A 431 9.02 -10.91 19.21
CA LYS A 431 8.15 -10.06 20.01
C LYS A 431 7.72 -10.78 21.27
N TRP A 432 7.59 -10.07 22.37
CA TRP A 432 7.11 -10.65 23.64
C TRP A 432 5.63 -10.97 23.53
N THR A 433 5.28 -12.24 23.71
CA THR A 433 3.89 -12.69 23.55
C THR A 433 3.55 -13.61 24.73
N ARG A 434 3.11 -13.01 25.84
CA ARG A 434 2.77 -13.78 27.05
C ARG A 434 1.70 -14.83 26.79
N ASN A 435 0.84 -14.58 25.79
CA ASN A 435 -0.29 -15.44 25.41
C ASN A 435 0.11 -16.71 24.69
N ARG A 436 1.39 -16.83 24.39
CA ARG A 436 1.86 -18.07 23.76
C ARG A 436 1.05 -18.44 22.49
N PRO A 437 1.02 -17.57 21.49
CA PRO A 437 0.15 -17.82 20.32
C PRO A 437 0.61 -18.93 19.38
N ILE A 438 -0.34 -19.58 18.74
CA ILE A 438 -0.07 -20.56 17.71
C ILE A 438 -0.12 -19.86 16.38
N VAL A 439 1.01 -19.84 15.68
CA VAL A 439 1.11 -19.09 14.43
C VAL A 439 2.12 -19.79 13.53
N SER A 440 1.97 -19.60 12.22
CA SER A 440 3.02 -19.99 11.27
C SER A 440 3.48 -18.79 10.48
N THR A 441 4.71 -18.93 9.97
CA THR A 441 5.19 -17.98 8.97
C THR A 441 5.14 -18.66 7.60
N LYS A 442 5.11 -17.88 6.53
CA LYS A 442 4.92 -18.42 5.17
C LYS A 442 6.02 -18.00 4.27
N LYS A 443 6.40 -18.90 3.36
CA LYS A 443 7.30 -18.52 2.23
C LYS A 443 6.71 -19.17 0.98
N LEU A 444 7.11 -18.70 -0.20
CA LEU A 444 6.66 -19.31 -1.44
C LEU A 444 7.88 -19.98 -2.05
N ASP A 445 7.75 -21.20 -2.56
CA ASP A 445 8.94 -21.80 -3.17
C ASP A 445 9.10 -21.43 -4.63
N LYS A 446 10.13 -21.97 -5.30
CA LYS A 446 10.44 -21.64 -6.69
C LYS A 446 9.28 -21.95 -7.62
N GLU A 447 8.39 -22.79 -7.17
CA GLU A 447 7.24 -23.20 -7.96
C GLU A 447 5.98 -22.48 -7.57
N GLY A 448 6.11 -21.52 -6.64
CA GLY A 448 4.95 -20.76 -6.21
C GLY A 448 4.08 -21.42 -5.15
N ARG A 449 4.51 -22.56 -4.59
CA ARG A 449 3.72 -23.25 -3.58
C ARG A 449 4.03 -22.71 -2.18
N THR A 450 3.01 -22.60 -1.32
CA THR A 450 3.21 -22.02 0.02
C THR A 450 3.75 -23.04 1.00
N HIS A 451 4.81 -22.64 1.71
CA HIS A 451 5.35 -23.39 2.83
C HIS A 451 5.07 -22.68 4.15
N HIS A 452 4.58 -23.45 5.12
CA HIS A 452 4.19 -22.95 6.45
C HIS A 452 5.17 -23.47 7.50
N TYR A 453 5.71 -22.57 8.34
CA TYR A 453 6.69 -22.96 9.36
C TYR A 453 6.12 -22.60 10.72
N MET A 454 6.10 -23.55 11.63
CA MET A 454 5.49 -23.28 12.93
C MET A 454 6.31 -23.96 14.02
N ARG A 455 6.38 -23.33 15.21
CA ARG A 455 6.98 -23.93 16.39
C ARG A 455 6.00 -23.90 17.53
N PHE A 456 6.06 -24.91 18.40
CA PHE A 456 5.24 -24.88 19.62
C PHE A 456 5.82 -25.83 20.63
N HIS A 457 5.46 -25.65 21.87
CA HIS A 457 5.95 -26.54 22.93
C HIS A 457 4.97 -27.68 23.21
N VAL A 458 5.53 -28.82 23.65
CA VAL A 458 4.72 -29.88 24.25
C VAL A 458 5.30 -30.18 25.62
N GLU A 459 4.43 -30.33 26.61
CA GLU A 459 4.85 -30.45 28.02
C GLU A 459 4.26 -31.66 28.65
N SER A 460 5.16 -32.45 29.26
CA SER A 460 4.74 -33.45 30.24
C SER A 460 5.16 -32.96 31.63
N LYS A 461 4.80 -33.71 32.66
CA LYS A 461 5.19 -33.29 34.00
C LYS A 461 6.73 -33.24 34.17
N LYS A 462 7.45 -34.02 33.37
CA LYS A 462 8.91 -34.09 33.53
C LYS A 462 9.69 -33.30 32.50
N LYS A 463 9.11 -32.97 31.34
CA LYS A 463 9.91 -32.39 30.25
C LYS A 463 9.09 -31.42 29.45
N ILE A 464 9.73 -30.36 28.96
CA ILE A 464 9.05 -29.42 28.04
C ILE A 464 9.91 -29.37 26.79
N ALA A 465 9.32 -29.75 25.66
CA ALA A 465 10.03 -29.84 24.37
C ALA A 465 9.58 -28.75 23.43
N LEU A 466 10.38 -28.57 22.39
CA LEU A 466 10.02 -27.64 21.31
C LEU A 466 9.87 -28.43 20.02
N VAL A 467 8.69 -28.31 19.38
CA VAL A 467 8.37 -28.98 18.12
C VAL A 467 8.53 -27.98 17.02
N HIS A 468 9.17 -28.38 15.91
CA HIS A 468 9.27 -27.56 14.70
C HIS A 468 8.62 -28.29 13.56
N LEU A 469 7.84 -27.60 12.73
CA LEU A 469 7.28 -28.25 11.55
C LEU A 469 7.30 -27.34 10.34
N GLU A 470 7.38 -27.99 9.17
CA GLU A 470 7.19 -27.30 7.89
C GLU A 470 6.12 -28.08 7.15
N ALA A 471 5.13 -27.35 6.67
CA ALA A 471 4.04 -27.96 5.89
C ALA A 471 4.03 -27.32 4.50
N LYS A 472 3.60 -28.05 3.47
CA LYS A 472 3.60 -27.53 2.09
C LYS A 472 2.18 -27.63 1.53
N GLU A 473 1.72 -26.53 0.95
CA GLU A 473 0.44 -26.49 0.27
C GLU A 473 0.26 -27.67 -0.67
N SER A 474 -0.92 -28.29 -0.64
CA SER A 474 -1.19 -29.44 -1.53
C SER A 474 -1.95 -28.94 -2.75
N LYS A 475 -1.73 -29.49 -3.95
CA LYS A 475 -2.64 -29.15 -5.05
C LYS A 475 -3.93 -30.01 -5.08
N GLN A 476 -3.95 -31.14 -4.37
CA GLN A 476 -5.14 -32.02 -4.32
C GLN A 476 -6.07 -31.75 -3.16
N ASN A 477 -5.50 -31.37 -2.03
CA ASN A 477 -6.27 -31.31 -0.80
C ASN A 477 -6.22 -29.94 -0.16
N TYR A 478 -7.31 -29.60 0.54
CA TYR A 478 -7.38 -28.36 1.27
C TYR A 478 -6.20 -28.32 2.24
N GLN A 479 -5.96 -29.45 2.91
CA GLN A 479 -4.98 -29.49 4.00
C GLN A 479 -3.56 -29.71 3.49
N PRO A 480 -2.62 -28.88 3.97
CA PRO A 480 -1.23 -29.06 3.55
C PRO A 480 -0.60 -30.34 4.05
N ASP A 481 0.47 -30.75 3.37
CA ASP A 481 1.18 -31.92 3.78
C ASP A 481 2.35 -31.56 4.70
N PHE A 482 2.58 -32.30 5.79
CA PHE A 482 3.80 -32.08 6.56
C PHE A 482 4.98 -32.64 5.79
N ILE A 483 6.01 -31.84 5.60
CA ILE A 483 7.24 -32.32 4.94
C ILE A 483 8.47 -32.34 5.85
N ASN A 484 8.39 -31.70 7.01
CA ASN A 484 9.50 -31.79 8.00
C ASN A 484 8.91 -31.60 9.38
N MET A 485 9.28 -32.43 10.33
CA MET A 485 8.73 -32.24 11.68
C MET A 485 9.66 -32.92 12.67
N TYR A 486 10.14 -32.17 13.65
CA TYR A 486 11.06 -32.72 14.63
C TYR A 486 10.84 -32.13 16.00
N VAL A 487 11.35 -32.84 17.03
CA VAL A 487 11.12 -32.44 18.42
C VAL A 487 12.46 -32.41 19.15
N ASP A 488 12.73 -31.28 19.78
CA ASP A 488 13.91 -31.11 20.64
C ASP A 488 13.47 -31.22 22.12
N VAL A 489 13.85 -32.32 22.76
CA VAL A 489 13.58 -32.50 24.17
C VAL A 489 14.91 -32.27 24.85
N PRO A 490 14.93 -31.45 25.90
CA PRO A 490 16.22 -31.22 26.58
C PRO A 490 16.88 -32.48 27.13
N GLY A 491 18.17 -32.57 26.82
CA GLY A 491 18.98 -33.71 27.24
C GLY A 491 18.85 -34.91 26.32
N GLU A 492 18.17 -34.73 25.17
CA GLU A 492 17.98 -35.85 24.24
C GLU A 492 18.35 -35.44 22.81
N LYS A 493 18.61 -36.45 21.96
CA LYS A 493 18.91 -36.22 20.56
C LYS A 493 17.65 -35.72 19.83
N ARG A 494 17.82 -34.78 18.91
CA ARG A 494 16.68 -34.34 18.09
C ARG A 494 15.96 -35.51 17.47
N TYR A 495 14.64 -35.54 17.60
CA TYR A 495 13.90 -36.65 17.04
C TYR A 495 13.06 -36.20 15.86
N TYR A 496 13.33 -36.75 14.67
CA TYR A 496 12.52 -36.52 13.47
C TYR A 496 11.29 -37.43 13.29
N LEU A 497 10.09 -36.86 13.32
CA LEU A 497 8.88 -37.61 12.97
C LEU A 497 8.82 -37.66 11.46
N ILE A 498 9.08 -36.53 10.80
CA ILE A 498 9.11 -36.53 9.34
C ILE A 498 10.36 -35.86 8.86
N LYS A 499 11.11 -36.48 7.94
CA LYS A 499 12.42 -35.93 7.59
C LYS A 499 12.54 -35.51 6.14
N LEU A 500 13.24 -34.39 5.94
CA LEU A 500 13.72 -33.87 4.66
C LEU A 500 12.85 -32.72 4.16
#